data_9S23
#
_entry.id   9S23
#
_cell.length_a   89.621
_cell.length_b   89.621
_cell.length_c   133.033
_cell.angle_alpha   90.00
_cell.angle_beta   90.00
_cell.angle_gamma   90.00
#
_symmetry.space_group_name_H-M   'P 43 21 2'
#
loop_
_entity.id
_entity.type
_entity.pdbx_description
1 polymer 'NAD-dependent protein deacetylase sirtuin-2'
2 polymer 'TNFa-derived ornithine triazole dodecyl inhibitor'
3 non-polymer 'ZINC ION'
4 non-polymer 1,2-ETHANEDIOL
5 non-polymer 4-dodecyl-1-ethyl-1,2,3-triazole
6 water water
#
loop_
_entity_poly.entity_id
_entity_poly.type
_entity_poly.pdbx_seq_one_letter_code
_entity_poly.pdbx_strand_id
1 'polypeptide(L)'
;GHMERLLDELTLEGVARYMQSERCRRVICLVGAGISTSAGIPDFRSPSTGLYDNLEKYHLPYPEAIFEISYFKKHPEPFF
ALAKELYPGQFKPTICHYFMRLLKDKGLLLRCYTQNIDTLERIAGLEQEDLVEAHGTFYTSHCVSASCRHEYPLSWMKEK
IFSEVTPKCEDCQSLVKPDIVFFGESLPARFFSCMQSDFLKVDLLLVMGTSLQVQPFASLISKAPLSTPRLLINKEKAGQ
SDPFLGMIMGLGGGMDFDSKKAYRDVAWLGECDQGCLALAELLGWKKELEDLVRREHASIDAQS
;
A
2 'polypeptide(L)' EALPKATGG C
#
# COMPACT_ATOMS: atom_id res chain seq x y z
N GLU A 4 -22.18 19.29 9.81
CA GLU A 4 -22.14 19.06 8.36
C GLU A 4 -21.76 17.62 8.03
N ARG A 5 -22.75 16.74 7.93
CA ARG A 5 -22.51 15.38 7.46
C ARG A 5 -22.76 15.35 5.96
N LEU A 6 -21.74 14.94 5.20
CA LEU A 6 -21.87 14.87 3.76
C LEU A 6 -22.49 13.56 3.29
N LEU A 7 -22.51 12.55 4.14
CA LEU A 7 -23.14 11.27 3.84
C LEU A 7 -24.58 11.27 4.34
N ASP A 8 -25.47 10.67 3.56
CA ASP A 8 -26.86 10.51 4.00
C ASP A 8 -27.00 9.32 4.94
N GLU A 9 -26.42 8.18 4.56
CA GLU A 9 -26.43 6.97 5.35
C GLU A 9 -25.01 6.46 5.53
N LEU A 10 -24.71 5.94 6.72
CA LEU A 10 -23.38 5.44 7.03
C LEU A 10 -23.22 4.01 6.50
N THR A 11 -23.32 3.89 5.19
CA THR A 11 -23.23 2.60 4.51
C THR A 11 -22.37 2.73 3.26
N LEU A 12 -22.01 1.58 2.69
CA LEU A 12 -21.28 1.58 1.43
C LEU A 12 -22.06 2.29 0.34
N GLU A 13 -23.38 2.10 0.31
CA GLU A 13 -24.23 2.76 -0.67
C GLU A 13 -24.24 4.27 -0.47
N GLY A 14 -24.21 4.72 0.79
CA GLY A 14 -24.10 6.14 1.05
C GLY A 14 -22.80 6.72 0.54
N VAL A 15 -21.70 5.98 0.71
CA VAL A 15 -20.42 6.42 0.17
C VAL A 15 -20.46 6.50 -1.34
N ALA A 16 -21.13 5.53 -1.99
CA ALA A 16 -21.25 5.56 -3.44
C ALA A 16 -22.02 6.78 -3.90
N ARG A 17 -23.16 7.06 -3.24
CA ARG A 17 -23.96 8.23 -3.60
C ARG A 17 -23.17 9.51 -3.39
N TYR A 18 -22.38 9.59 -2.32
CA TYR A 18 -21.52 10.76 -2.11
C TYR A 18 -20.47 10.87 -3.21
N MET A 19 -19.93 9.73 -3.66
CA MET A 19 -18.93 9.75 -4.72
C MET A 19 -19.53 10.19 -6.05
N GLN A 20 -20.83 9.96 -6.25
CA GLN A 20 -21.47 10.41 -7.48
C GLN A 20 -21.87 11.89 -7.44
N SER A 21 -21.80 12.54 -6.29
CA SER A 21 -22.12 13.95 -6.19
C SER A 21 -20.94 14.80 -6.65
N GLU A 22 -21.22 16.09 -6.84
CA GLU A 22 -20.20 17.00 -7.35
C GLU A 22 -19.19 17.42 -6.28
N ARG A 23 -19.50 17.21 -4.99
CA ARG A 23 -18.54 17.55 -3.95
C ARG A 23 -17.36 16.60 -3.92
N CYS A 24 -17.51 15.37 -4.41
CA CYS A 24 -16.46 14.36 -4.30
C CYS A 24 -15.61 14.41 -5.56
N ARG A 25 -14.58 15.24 -5.52
CA ARG A 25 -13.67 15.40 -6.66
C ARG A 25 -12.28 14.81 -6.41
N ARG A 26 -11.83 14.74 -5.17
CA ARG A 26 -10.47 14.31 -4.85
C ARG A 26 -10.54 13.20 -3.81
N VAL A 27 -10.19 11.99 -4.23
CA VAL A 27 -10.22 10.80 -3.39
C VAL A 27 -8.79 10.36 -3.11
N ILE A 28 -8.47 10.09 -1.85
CA ILE A 28 -7.18 9.55 -1.45
C ILE A 28 -7.38 8.12 -0.97
N CYS A 29 -6.56 7.20 -1.47
CA CYS A 29 -6.60 5.81 -1.07
C CYS A 29 -5.41 5.50 -0.17
N LEU A 30 -5.69 4.91 0.99
CA LEU A 30 -4.67 4.40 1.91
C LEU A 30 -4.83 2.88 1.94
N VAL A 31 -3.87 2.16 1.37
CA VAL A 31 -4.03 0.73 1.19
C VAL A 31 -2.91 0.01 1.94
N GLY A 32 -3.21 -1.24 2.34
CA GLY A 32 -2.28 -2.09 3.04
C GLY A 32 -2.24 -3.50 2.48
N ALA A 33 -1.72 -4.43 3.27
CA ALA A 33 -1.47 -5.79 2.79
C ALA A 33 -2.76 -6.50 2.39
N GLY A 34 -3.90 -6.11 2.97
CA GLY A 34 -5.15 -6.78 2.70
C GLY A 34 -5.60 -6.73 1.26
N ILE A 35 -5.11 -5.76 0.48
CA ILE A 35 -5.50 -5.64 -0.92
C ILE A 35 -4.66 -6.51 -1.85
N SER A 36 -3.66 -7.22 -1.33
CA SER A 36 -2.83 -8.08 -2.13
C SER A 36 -2.84 -9.54 -1.67
N THR A 37 -3.58 -9.85 -0.61
CA THR A 37 -3.61 -11.23 -0.11
C THR A 37 -4.21 -12.17 -1.15
N SER A 38 -5.25 -11.73 -1.85
CA SER A 38 -5.86 -12.55 -2.89
C SER A 38 -4.98 -12.70 -4.13
N ALA A 39 -3.84 -12.02 -4.17
CA ALA A 39 -2.90 -12.16 -5.28
C ALA A 39 -1.75 -13.11 -4.96
N GLY A 40 -1.66 -13.62 -3.73
CA GLY A 40 -0.57 -14.47 -3.33
C GLY A 40 0.47 -13.80 -2.45
N ILE A 41 0.40 -12.48 -2.28
CA ILE A 41 1.32 -11.77 -1.39
C ILE A 41 0.83 -11.94 0.05
N PRO A 42 1.71 -12.32 0.98
CA PRO A 42 1.25 -12.59 2.35
C PRO A 42 1.22 -11.35 3.24
N ASP A 43 0.34 -11.42 4.24
CA ASP A 43 0.19 -10.38 5.25
C ASP A 43 1.09 -10.70 6.45
N PHE A 44 1.22 -9.71 7.34
CA PHE A 44 2.00 -9.90 8.56
C PHE A 44 1.32 -9.21 9.76
N LYS A 57 15.05 -21.42 13.80
CA LYS A 57 16.23 -21.91 13.10
C LYS A 57 17.34 -20.85 13.06
N TYR A 58 17.00 -19.66 12.59
CA TYR A 58 17.95 -18.56 12.54
C TYR A 58 18.07 -17.81 13.86
N HIS A 59 17.30 -18.22 14.88
CA HIS A 59 17.44 -17.70 16.24
C HIS A 59 17.23 -16.18 16.28
N LEU A 60 16.10 -15.74 15.74
CA LEU A 60 15.73 -14.34 15.78
C LEU A 60 15.52 -13.91 17.23
N PRO A 61 16.25 -12.92 17.72
CA PRO A 61 16.04 -12.47 19.12
C PRO A 61 14.60 -12.07 19.41
N TYR A 62 13.89 -11.58 18.39
CA TYR A 62 12.46 -11.35 18.45
C TYR A 62 11.99 -11.41 17.00
N PRO A 63 10.83 -12.02 16.74
CA PRO A 63 10.41 -12.25 15.35
C PRO A 63 10.31 -10.98 14.51
N GLU A 64 10.18 -9.82 15.15
CA GLU A 64 10.11 -8.56 14.40
C GLU A 64 11.46 -8.12 13.88
N ALA A 65 12.56 -8.68 14.38
CA ALA A 65 13.89 -8.31 13.92
C ALA A 65 14.16 -8.75 12.48
N ILE A 66 13.32 -9.60 11.91
CA ILE A 66 13.49 -10.02 10.52
C ILE A 66 13.37 -8.83 9.58
N PHE A 67 12.64 -7.79 9.99
CA PHE A 67 12.39 -6.61 9.17
C PHE A 67 12.94 -5.35 9.80
N GLU A 68 13.88 -5.47 10.73
CA GLU A 68 14.51 -4.31 11.35
C GLU A 68 15.91 -4.10 10.77
N ILE A 69 16.26 -2.83 10.54
CA ILE A 69 17.42 -2.53 9.70
C ILE A 69 18.72 -2.86 10.42
N SER A 70 18.78 -2.66 11.73
CA SER A 70 20.00 -2.94 12.47
C SER A 70 20.33 -4.43 12.44
N TYR A 71 19.35 -5.27 12.78
CA TYR A 71 19.56 -6.72 12.71
C TYR A 71 19.89 -7.16 11.29
N PHE A 72 19.17 -6.63 10.30
CA PHE A 72 19.42 -6.99 8.91
C PHE A 72 20.86 -6.69 8.51
N LYS A 73 21.34 -5.48 8.83
CA LYS A 73 22.72 -5.14 8.56
C LYS A 73 23.68 -6.07 9.30
N LYS A 74 23.28 -6.54 10.49
CA LYS A 74 24.13 -7.49 11.20
C LYS A 74 24.00 -8.89 10.62
N HIS A 75 22.77 -9.36 10.40
CA HIS A 75 22.52 -10.73 9.95
C HIS A 75 21.43 -10.73 8.89
N PRO A 76 21.80 -10.61 7.61
CA PRO A 76 20.81 -10.56 6.54
C PRO A 76 20.30 -11.90 6.04
N GLU A 77 20.89 -13.01 6.46
CA GLU A 77 20.50 -14.32 5.92
C GLU A 77 19.05 -14.69 6.21
N PRO A 78 18.49 -14.47 7.41
CA PRO A 78 17.09 -14.86 7.63
C PRO A 78 16.11 -14.14 6.70
N PHE A 79 16.32 -12.83 6.48
CA PHE A 79 15.42 -12.08 5.62
C PHE A 79 15.42 -12.63 4.19
N PHE A 80 16.61 -12.90 3.65
CA PHE A 80 16.69 -13.37 2.27
C PHE A 80 16.19 -14.80 2.13
N ALA A 81 16.38 -15.63 3.17
CA ALA A 81 15.77 -16.95 3.16
C ALA A 81 14.24 -16.85 3.11
N LEU A 82 13.68 -15.99 3.96
CA LEU A 82 12.24 -15.76 3.94
C LEU A 82 11.78 -15.22 2.59
N ALA A 83 12.60 -14.36 1.98
CA ALA A 83 12.25 -13.80 0.67
C ALA A 83 12.18 -14.88 -0.39
N LYS A 84 13.18 -15.77 -0.42
CA LYS A 84 13.13 -16.89 -1.36
C LYS A 84 11.93 -17.78 -1.09
N GLU A 85 11.58 -17.96 0.19
CA GLU A 85 10.45 -18.83 0.51
C GLU A 85 9.13 -18.23 0.04
N LEU A 86 8.92 -16.93 0.27
CA LEU A 86 7.65 -16.28 0.00
C LEU A 86 7.61 -15.49 -1.29
N TYR A 87 8.59 -15.68 -2.18
CA TYR A 87 8.58 -14.95 -3.44
C TYR A 87 7.51 -15.50 -4.35
N PRO A 88 6.50 -14.71 -4.73
CA PRO A 88 5.42 -15.25 -5.57
C PRO A 88 5.90 -15.57 -6.97
N GLY A 89 5.34 -16.63 -7.56
CA GLY A 89 5.69 -16.98 -8.93
C GLY A 89 5.12 -16.02 -9.94
N GLN A 90 4.02 -15.34 -9.59
CA GLN A 90 3.38 -14.40 -10.49
C GLN A 90 2.94 -13.17 -9.70
N PHE A 91 2.86 -12.04 -10.39
CA PHE A 91 2.46 -10.76 -9.81
C PHE A 91 1.26 -10.24 -10.60
N LYS A 92 0.05 -10.56 -10.13
CA LYS A 92 -1.18 -10.10 -10.75
C LYS A 92 -1.92 -9.17 -9.80
N PRO A 93 -2.21 -7.93 -10.19
CA PRO A 93 -2.97 -7.04 -9.31
C PRO A 93 -4.39 -7.55 -9.12
N THR A 94 -4.99 -7.13 -8.01
CA THR A 94 -6.31 -7.62 -7.62
C THR A 94 -7.40 -6.68 -8.10
N ILE A 95 -8.65 -7.07 -7.80
CA ILE A 95 -9.81 -6.24 -8.16
C ILE A 95 -9.72 -4.88 -7.49
N CYS A 96 -9.14 -4.82 -6.31
CA CYS A 96 -9.01 -3.54 -5.60
C CYS A 96 -8.01 -2.62 -6.30
N HIS A 97 -6.88 -3.16 -6.74
CA HIS A 97 -5.92 -2.37 -7.50
C HIS A 97 -6.58 -1.77 -8.73
N TYR A 98 -7.40 -2.57 -9.43
CA TYR A 98 -8.04 -2.06 -10.64
C TYR A 98 -9.21 -1.12 -10.33
N PHE A 99 -9.80 -1.21 -9.14
CA PHE A 99 -10.73 -0.18 -8.71
C PHE A 99 -10.01 1.16 -8.56
N MET A 100 -8.83 1.13 -7.95
CA MET A 100 -8.03 2.36 -7.88
C MET A 100 -7.63 2.84 -9.27
N ARG A 101 -7.35 1.89 -10.19
CA ARG A 101 -7.08 2.26 -11.57
C ARG A 101 -8.27 2.95 -12.22
N LEU A 102 -9.48 2.46 -11.96
CA LEU A 102 -10.68 3.13 -12.45
C LEU A 102 -10.80 4.53 -11.86
N LEU A 103 -10.50 4.67 -10.57
CA LEU A 103 -10.48 6.00 -9.96
C LEU A 103 -9.53 6.93 -10.69
N LYS A 104 -8.36 6.42 -11.07
CA LYS A 104 -7.41 7.22 -11.84
C LYS A 104 -8.00 7.60 -13.21
N ASP A 105 -8.56 6.62 -13.91
CA ASP A 105 -9.06 6.85 -15.26
C ASP A 105 -10.21 7.85 -15.30
N LYS A 106 -10.90 8.04 -14.18
CA LYS A 106 -12.04 8.96 -14.10
C LYS A 106 -11.69 10.29 -13.47
N GLY A 107 -10.41 10.56 -13.25
CA GLY A 107 -9.98 11.83 -12.69
C GLY A 107 -10.39 12.05 -11.24
N LEU A 108 -10.68 10.98 -10.49
CA LEU A 108 -11.07 11.09 -9.10
C LEU A 108 -9.93 10.83 -8.12
N LEU A 109 -8.89 10.14 -8.54
CA LEU A 109 -7.80 9.74 -7.65
C LEU A 109 -6.80 10.88 -7.51
N LEU A 110 -6.76 11.51 -6.34
CA LEU A 110 -5.71 12.47 -6.03
C LEU A 110 -4.39 11.76 -5.73
N ARG A 111 -4.43 10.71 -4.91
CA ARG A 111 -3.22 9.98 -4.56
C ARG A 111 -3.57 8.63 -3.98
N CYS A 112 -2.68 7.66 -4.15
CA CYS A 112 -2.74 6.38 -3.47
C CYS A 112 -1.51 6.26 -2.58
N TYR A 113 -1.71 6.26 -1.27
CA TYR A 113 -0.64 5.99 -0.32
C TYR A 113 -0.66 4.51 0.00
N THR A 114 0.44 3.81 -0.26
CA THR A 114 0.49 2.37 -0.07
C THR A 114 1.55 1.99 0.95
N GLN A 115 1.21 1.04 1.82
CA GLN A 115 2.17 0.39 2.70
C GLN A 115 2.85 -0.81 2.06
N ASN A 116 2.43 -1.19 0.86
CA ASN A 116 2.85 -2.42 0.22
C ASN A 116 4.09 -2.18 -0.63
N ILE A 117 4.86 -3.26 -0.83
CA ILE A 117 6.13 -3.21 -1.55
C ILE A 117 6.13 -4.15 -2.76
N ASP A 118 4.95 -4.57 -3.20
CA ASP A 118 4.82 -5.54 -4.29
C ASP A 118 4.70 -4.89 -5.66
N THR A 119 4.63 -3.55 -5.73
CA THR A 119 4.52 -2.79 -6.98
C THR A 119 3.26 -3.13 -7.77
N LEU A 120 2.27 -3.75 -7.14
CA LEU A 120 1.05 -4.10 -7.86
C LEU A 120 0.23 -2.88 -8.27
N GLU A 121 0.40 -1.75 -7.57
CA GLU A 121 -0.24 -0.52 -8.03
C GLU A 121 0.34 -0.06 -9.36
N ARG A 122 1.66 -0.16 -9.53
CA ARG A 122 2.27 0.20 -10.81
C ARG A 122 1.82 -0.74 -11.92
N ILE A 123 1.82 -2.05 -11.65
CA ILE A 123 1.42 -3.02 -12.66
C ILE A 123 -0.05 -2.82 -13.04
N ALA A 124 -0.88 -2.39 -12.08
CA ALA A 124 -2.28 -2.09 -12.38
C ALA A 124 -2.45 -0.83 -13.22
N GLY A 125 -1.43 0.00 -13.34
CA GLY A 125 -1.49 1.17 -14.20
C GLY A 125 -1.43 2.51 -13.50
N LEU A 126 -1.23 2.55 -12.19
CA LEU A 126 -1.02 3.81 -11.51
C LEU A 126 0.39 4.32 -11.78
N GLU A 127 0.49 5.56 -12.24
CA GLU A 127 1.79 6.14 -12.57
C GLU A 127 2.47 6.69 -11.31
N GLN A 128 3.72 7.13 -11.48
CA GLN A 128 4.52 7.56 -10.35
C GLN A 128 3.87 8.73 -9.61
N GLU A 129 3.31 9.68 -10.35
CA GLU A 129 2.70 10.85 -9.74
C GLU A 129 1.48 10.49 -8.91
N ASP A 130 0.81 9.39 -9.25
CA ASP A 130 -0.36 8.95 -8.51
C ASP A 130 -0.01 8.32 -7.17
N LEU A 131 1.25 7.90 -6.98
CA LEU A 131 1.61 6.96 -5.93
C LEU A 131 2.49 7.61 -4.88
N VAL A 132 2.25 7.24 -3.63
CA VAL A 132 3.19 7.43 -2.53
C VAL A 132 3.47 6.04 -1.97
N GLU A 133 4.56 5.43 -2.44
CA GLU A 133 5.00 4.15 -1.90
C GLU A 133 5.70 4.43 -0.58
N ALA A 134 4.90 4.51 0.49
CA ALA A 134 5.40 4.98 1.77
C ALA A 134 6.49 4.09 2.34
N HIS A 135 6.48 2.80 2.00
CA HIS A 135 7.45 1.85 2.53
C HIS A 135 8.40 1.34 1.46
N GLY A 136 8.56 2.08 0.36
CA GLY A 136 9.52 1.69 -0.66
C GLY A 136 9.01 0.63 -1.60
N THR A 137 9.97 -0.06 -2.23
CA THR A 137 9.67 -1.05 -3.26
C THR A 137 10.72 -2.14 -3.24
N PHE A 138 10.31 -3.35 -3.65
CA PHE A 138 11.23 -4.46 -3.86
C PHE A 138 11.86 -4.41 -5.25
N TYR A 139 11.37 -3.54 -6.14
CA TYR A 139 11.75 -3.61 -7.55
C TYR A 139 13.22 -3.27 -7.76
N THR A 140 13.71 -2.24 -7.09
CA THR A 140 15.12 -1.87 -7.16
C THR A 140 15.80 -2.14 -5.83
N SER A 141 17.12 -2.32 -5.87
CA SER A 141 17.91 -2.52 -4.66
C SER A 141 19.15 -1.66 -4.74
N HIS A 142 19.76 -1.41 -3.58
CA HIS A 142 20.92 -0.53 -3.52
C HIS A 142 21.95 -1.05 -2.53
N CYS A 143 23.20 -0.70 -2.79
CA CYS A 143 24.27 -0.93 -1.83
C CYS A 143 24.02 -0.10 -0.58
N VAL A 144 24.30 -0.70 0.58
CA VAL A 144 24.02 -0.02 1.85
C VAL A 144 25.05 1.04 2.20
N SER A 145 26.20 1.06 1.52
CA SER A 145 27.20 2.10 1.72
C SER A 145 26.72 3.40 1.07
N ALA A 146 26.62 4.45 1.88
CA ALA A 146 26.10 5.72 1.38
C ALA A 146 27.06 6.42 0.43
N SER A 147 28.34 6.05 0.44
CA SER A 147 29.30 6.62 -0.49
CA SER A 147 29.30 6.62 -0.49
C SER A 147 29.34 5.88 -1.82
N CYS A 148 28.63 4.75 -1.93
CA CYS A 148 28.58 3.98 -3.17
C CYS A 148 27.17 4.02 -3.75
N ARG A 149 26.18 3.43 -3.05
CA ARG A 149 24.79 3.42 -3.49
C ARG A 149 24.62 2.80 -4.87
N HIS A 150 25.44 1.80 -5.20
CA HIS A 150 25.33 1.13 -6.48
C HIS A 150 23.98 0.43 -6.57
N GLU A 151 23.27 0.67 -7.68
CA GLU A 151 21.92 0.18 -7.86
C GLU A 151 21.91 -1.14 -8.61
N TYR A 152 21.04 -2.05 -8.17
CA TYR A 152 20.90 -3.36 -8.76
C TYR A 152 19.44 -3.68 -9.03
N PRO A 153 19.15 -4.28 -10.18
CA PRO A 153 17.75 -4.52 -10.56
C PRO A 153 17.19 -5.78 -9.89
N LEU A 154 15.88 -5.94 -10.03
CA LEU A 154 15.18 -7.08 -9.44
C LEU A 154 15.65 -8.42 -10.00
N SER A 155 16.18 -8.44 -11.21
CA SER A 155 16.71 -9.69 -11.76
C SER A 155 17.96 -10.14 -11.01
N TRP A 156 18.89 -9.21 -10.81
CA TRP A 156 20.09 -9.50 -10.03
C TRP A 156 19.73 -9.95 -8.61
N MET A 157 18.82 -9.21 -7.97
CA MET A 157 18.40 -9.54 -6.61
C MET A 157 17.73 -10.91 -6.56
N LYS A 158 16.86 -11.20 -7.53
CA LYS A 158 16.16 -12.48 -7.52
C LYS A 158 17.12 -13.64 -7.78
N GLU A 159 18.11 -13.44 -8.65
CA GLU A 159 19.14 -14.46 -8.85
C GLU A 159 19.90 -14.73 -7.56
N LYS A 160 20.33 -13.66 -6.88
CA LYS A 160 21.04 -13.85 -5.62
C LYS A 160 20.17 -14.50 -4.57
N ILE A 161 18.86 -14.23 -4.60
CA ILE A 161 17.95 -14.78 -3.60
C ILE A 161 17.71 -16.26 -3.83
N PHE A 162 17.50 -16.65 -5.10
CA PHE A 162 17.18 -18.05 -5.39
C PHE A 162 18.43 -18.94 -5.41
N SER A 163 19.58 -18.39 -5.83
CA SER A 163 20.81 -19.15 -5.67
C SER A 163 21.29 -19.18 -4.23
N GLU A 164 20.58 -18.52 -3.31
CA GLU A 164 20.89 -18.51 -1.89
C GLU A 164 22.30 -17.97 -1.63
N VAL A 165 22.69 -16.96 -2.41
CA VAL A 165 23.93 -16.23 -2.21
C VAL A 165 23.58 -14.83 -1.72
N THR A 166 24.15 -14.45 -0.58
CA THR A 166 23.85 -13.15 0.00
C THR A 166 24.27 -12.04 -0.96
N PRO A 167 23.37 -11.10 -1.29
CA PRO A 167 23.71 -10.07 -2.28
C PRO A 167 24.81 -9.14 -1.79
N LYS A 168 25.86 -9.00 -2.58
CA LYS A 168 27.01 -8.18 -2.24
C LYS A 168 27.34 -7.23 -3.38
N CYS A 169 27.84 -6.05 -3.02
CA CYS A 169 28.13 -5.00 -3.99
C CYS A 169 29.44 -5.27 -4.71
N GLU A 170 29.45 -5.02 -6.03
CA GLU A 170 30.63 -5.27 -6.84
C GLU A 170 31.73 -4.23 -6.60
N ASP A 171 31.39 -3.09 -6.02
CA ASP A 171 32.36 -2.03 -5.76
C ASP A 171 32.81 -1.99 -4.30
N CYS A 172 31.88 -2.09 -3.36
CA CYS A 172 32.19 -2.02 -1.94
C CYS A 172 32.45 -3.37 -1.31
N GLN A 173 31.87 -4.43 -1.87
CA GLN A 173 31.68 -5.72 -1.20
C GLN A 173 30.76 -5.60 0.00
N SER A 174 29.93 -4.57 0.03
CA SER A 174 28.96 -4.37 1.11
C SER A 174 27.63 -5.05 0.77
N LEU A 175 26.75 -5.08 1.76
CA LEU A 175 25.46 -5.72 1.61
C LEU A 175 24.56 -4.91 0.67
N VAL A 176 23.76 -5.62 -0.12
CA VAL A 176 22.82 -4.99 -1.05
C VAL A 176 21.41 -5.27 -0.54
N LYS A 177 20.65 -4.19 -0.30
CA LYS A 177 19.33 -4.25 0.31
C LYS A 177 18.26 -3.81 -0.67
N PRO A 178 17.13 -4.52 -0.73
CA PRO A 178 16.00 -4.03 -1.53
C PRO A 178 15.48 -2.71 -0.99
N ASP A 179 15.00 -1.86 -1.89
CA ASP A 179 14.63 -0.50 -1.52
C ASP A 179 13.34 -0.47 -0.70
N ILE A 180 13.25 -1.35 0.29
CA ILE A 180 12.12 -1.38 1.22
C ILE A 180 12.49 -0.59 2.44
N VAL A 181 11.53 0.16 2.99
CA VAL A 181 11.71 0.85 4.26
C VAL A 181 11.55 -0.21 5.36
N PHE A 182 12.67 -0.73 5.86
CA PHE A 182 12.64 -1.62 7.00
C PHE A 182 12.19 -0.88 8.26
N PHE A 183 11.76 -1.63 9.26
CA PHE A 183 11.48 -1.04 10.56
C PHE A 183 12.75 -0.40 11.11
N GLY A 184 12.65 0.88 11.48
CA GLY A 184 13.79 1.65 11.92
C GLY A 184 14.37 2.58 10.88
N GLU A 185 13.92 2.50 9.63
CA GLU A 185 14.34 3.41 8.58
C GLU A 185 13.32 4.52 8.39
N SER A 186 13.80 5.68 7.94
CA SER A 186 12.92 6.80 7.68
C SER A 186 12.14 6.60 6.38
N LEU A 187 10.93 7.13 6.36
CA LEU A 187 10.12 7.08 5.15
C LEU A 187 10.67 8.05 4.12
N PRO A 188 10.38 7.82 2.83
CA PRO A 188 10.89 8.75 1.79
C PRO A 188 10.34 10.14 1.97
N ALA A 189 11.13 11.13 1.53
CA ALA A 189 10.73 12.53 1.66
C ALA A 189 9.46 12.83 0.87
N ARG A 190 9.20 12.07 -0.19
CA ARG A 190 7.99 12.29 -0.99
C ARG A 190 6.73 12.08 -0.15
N PHE A 191 6.78 11.13 0.79
CA PHE A 191 5.66 10.94 1.73
C PHE A 191 5.29 12.27 2.41
N PHE A 192 6.27 12.91 3.04
CA PHE A 192 6.03 14.14 3.79
C PHE A 192 5.82 15.35 2.91
N SER A 193 6.28 15.30 1.65
CA SER A 193 5.97 16.38 0.72
C SER A 193 4.52 16.29 0.25
N CYS A 194 4.07 15.11 -0.15
CA CYS A 194 2.69 14.94 -0.61
C CYS A 194 1.70 15.19 0.52
N MET A 195 1.96 14.62 1.70
CA MET A 195 1.03 14.71 2.82
C MET A 195 0.64 16.15 3.13
N GLN A 196 1.58 17.09 3.00
CA GLN A 196 1.32 18.47 3.39
C GLN A 196 0.25 19.12 2.51
N SER A 197 0.15 18.70 1.24
CA SER A 197 -0.81 19.29 0.31
C SER A 197 -2.05 18.44 0.09
N ASP A 198 -1.90 17.11 0.09
CA ASP A 198 -2.99 16.25 -0.35
C ASP A 198 -4.18 16.29 0.59
N PHE A 199 -3.95 16.43 1.90
CA PHE A 199 -5.01 16.28 2.89
C PHE A 199 -5.71 17.59 3.22
N LEU A 200 -5.26 18.73 2.68
CA LEU A 200 -6.04 19.94 2.78
C LEU A 200 -7.21 19.96 1.79
N LYS A 201 -7.15 19.14 0.76
CA LYS A 201 -8.11 19.16 -0.34
C LYS A 201 -8.87 17.85 -0.51
N VAL A 202 -8.67 16.87 0.35
CA VAL A 202 -9.22 15.54 0.13
C VAL A 202 -10.71 15.55 0.44
N ASP A 203 -11.51 14.96 -0.46
CA ASP A 203 -12.94 14.85 -0.26
C ASP A 203 -13.37 13.49 0.28
N LEU A 204 -12.56 12.44 0.10
CA LEU A 204 -12.91 11.11 0.54
C LEU A 204 -11.64 10.33 0.84
N LEU A 205 -11.64 9.62 1.97
CA LEU A 205 -10.58 8.67 2.29
C LEU A 205 -11.10 7.26 2.08
N LEU A 206 -10.39 6.48 1.28
CA LEU A 206 -10.69 5.06 1.05
C LEU A 206 -9.56 4.26 1.69
N VAL A 207 -9.81 3.70 2.86
CA VAL A 207 -8.81 2.93 3.61
C VAL A 207 -9.11 1.46 3.39
N MET A 208 -8.22 0.76 2.69
CA MET A 208 -8.48 -0.60 2.25
C MET A 208 -7.32 -1.52 2.62
N GLY A 209 -7.63 -2.63 3.27
CA GLY A 209 -6.67 -3.67 3.52
C GLY A 209 -5.58 -3.35 4.52
N THR A 210 -5.80 -2.38 5.40
CA THR A 210 -4.84 -2.06 6.45
C THR A 210 -5.56 -1.90 7.77
N SER A 211 -4.94 -2.42 8.84
CA SER A 211 -5.45 -2.23 10.18
C SER A 211 -4.82 -1.03 10.89
N LEU A 212 -4.11 -0.19 10.14
CA LEU A 212 -3.55 1.06 10.66
C LEU A 212 -2.69 0.80 11.90
N GLN A 213 -1.74 -0.13 11.75
CA GLN A 213 -0.87 -0.51 12.85
C GLN A 213 0.56 -0.01 12.71
N VAL A 214 0.94 0.52 11.56
CA VAL A 214 2.30 1.00 11.31
C VAL A 214 2.26 2.52 11.23
N GLN A 215 3.07 3.17 12.07
CA GLN A 215 3.28 4.61 12.06
C GLN A 215 4.52 4.97 11.23
N PRO A 216 4.58 6.17 10.66
CA PRO A 216 3.60 7.27 10.71
C PRO A 216 2.47 7.14 9.68
N PHE A 217 2.34 6.00 9.00
CA PHE A 217 1.31 5.86 7.97
C PHE A 217 -0.08 6.02 8.55
N ALA A 218 -0.35 5.37 9.69
CA ALA A 218 -1.71 5.37 10.26
C ALA A 218 -2.18 6.80 10.55
N SER A 219 -1.28 7.65 11.08
CA SER A 219 -1.64 9.02 11.40
C SER A 219 -2.26 9.75 10.22
N LEU A 220 -2.04 9.26 8.99
CA LEU A 220 -2.61 9.89 7.81
C LEU A 220 -4.12 10.04 7.90
N ILE A 221 -4.80 9.12 8.60
CA ILE A 221 -6.26 9.21 8.62
C ILE A 221 -6.74 10.42 9.40
N SER A 222 -5.90 11.02 10.24
CA SER A 222 -6.30 12.18 11.03
C SER A 222 -5.93 13.50 10.36
N LYS A 223 -5.26 13.47 9.21
CA LYS A 223 -4.86 14.69 8.53
C LYS A 223 -5.99 15.30 7.71
N ALA A 224 -7.01 14.52 7.38
CA ALA A 224 -8.10 14.99 6.55
C ALA A 224 -8.97 15.98 7.31
N PRO A 225 -9.71 16.83 6.59
CA PRO A 225 -10.68 17.72 7.26
C PRO A 225 -11.74 16.92 7.97
N LEU A 226 -12.35 17.54 8.99
CA LEU A 226 -13.30 16.84 9.84
C LEU A 226 -14.58 16.45 9.10
N SER A 227 -14.93 17.15 8.03
CA SER A 227 -16.11 16.81 7.26
C SER A 227 -15.85 15.77 6.17
N THR A 228 -14.61 15.38 5.96
CA THR A 228 -14.25 14.45 4.89
C THR A 228 -14.67 13.03 5.26
N PRO A 229 -15.55 12.39 4.49
CA PRO A 229 -15.94 11.01 4.82
C PRO A 229 -14.79 10.03 4.63
N ARG A 230 -14.79 9.00 5.46
CA ARG A 230 -13.75 7.98 5.47
C ARG A 230 -14.40 6.60 5.49
N LEU A 231 -14.09 5.79 4.48
CA LEU A 231 -14.64 4.44 4.34
C LEU A 231 -13.53 3.43 4.54
N LEU A 232 -13.75 2.47 5.42
CA LEU A 232 -12.81 1.38 5.67
C LEU A 232 -13.36 0.08 5.08
N ILE A 233 -12.59 -0.52 4.18
CA ILE A 233 -12.87 -1.86 3.67
C ILE A 233 -11.74 -2.75 4.17
N ASN A 234 -12.04 -3.59 5.16
CA ASN A 234 -10.99 -4.39 5.82
C ASN A 234 -11.66 -5.55 6.54
N LYS A 235 -10.86 -6.60 6.77
CA LYS A 235 -11.35 -7.79 7.46
C LYS A 235 -11.69 -7.53 8.92
N GLU A 236 -11.48 -6.32 9.43
CA GLU A 236 -11.74 -6.00 10.82
C GLU A 236 -11.75 -4.49 10.98
N LYS A 237 -12.52 -4.00 11.94
CA LYS A 237 -12.51 -2.58 12.24
C LYS A 237 -11.15 -2.17 12.80
N ALA A 238 -10.74 -0.95 12.47
CA ALA A 238 -9.41 -0.49 12.84
C ALA A 238 -9.41 1.04 12.87
N GLY A 239 -8.31 1.60 13.34
CA GLY A 239 -8.15 3.04 13.43
C GLY A 239 -9.08 3.74 14.41
N GLN A 240 -9.81 2.99 15.23
CA GLN A 240 -10.66 3.61 16.23
C GLN A 240 -9.83 4.12 17.41
N SER A 241 -10.28 5.22 17.99
CA SER A 241 -9.55 5.85 19.11
C SER A 241 -9.51 4.93 20.33
N GLY A 254 -9.31 9.89 14.83
CA GLY A 254 -9.78 8.56 15.16
C GLY A 254 -11.06 8.18 14.45
N MET A 255 -11.21 6.89 14.16
CA MET A 255 -12.40 6.41 13.49
C MET A 255 -13.56 6.29 14.47
N ASP A 256 -14.71 6.86 14.11
CA ASP A 256 -15.93 6.76 14.90
C ASP A 256 -16.99 6.08 14.03
N PHE A 257 -17.11 4.76 14.21
CA PHE A 257 -18.08 3.97 13.46
C PHE A 257 -19.41 3.83 14.19
N ASP A 258 -19.37 3.47 15.49
CA ASP A 258 -20.51 2.89 16.17
C ASP A 258 -20.96 3.69 17.40
N SER A 259 -20.71 5.00 17.41
CA SER A 259 -21.18 5.84 18.49
C SER A 259 -22.40 6.64 18.04
N LYS A 260 -23.02 7.34 18.99
CA LYS A 260 -24.14 8.22 18.67
C LYS A 260 -23.68 9.48 17.97
N LYS A 261 -22.41 9.87 18.14
CA LYS A 261 -21.84 11.03 17.46
C LYS A 261 -21.32 10.71 16.07
N ALA A 262 -21.36 9.44 15.66
CA ALA A 262 -20.84 9.04 14.35
C ALA A 262 -21.57 9.81 13.24
N TYR A 263 -20.81 10.25 12.24
CA TYR A 263 -21.37 11.11 11.21
C TYR A 263 -20.69 10.96 9.85
N ARG A 264 -19.57 10.23 9.78
CA ARG A 264 -18.82 10.24 8.53
C ARG A 264 -18.00 8.98 8.26
N ASP A 265 -17.83 8.12 9.26
CA ASP A 265 -16.96 6.95 9.14
C ASP A 265 -17.80 5.70 8.91
N VAL A 266 -17.56 5.03 7.78
CA VAL A 266 -18.24 3.81 7.41
C VAL A 266 -17.24 2.66 7.42
N ALA A 267 -17.68 1.48 7.87
CA ALA A 267 -16.84 0.30 7.93
C ALA A 267 -17.53 -0.84 7.21
N TRP A 268 -16.88 -1.39 6.19
CA TRP A 268 -17.34 -2.59 5.50
C TRP A 268 -16.36 -3.71 5.79
N LEU A 269 -16.83 -4.77 6.44
CA LEU A 269 -15.97 -5.83 6.94
C LEU A 269 -16.05 -7.03 6.01
N GLY A 270 -14.91 -7.47 5.51
CA GLY A 270 -14.85 -8.59 4.60
C GLY A 270 -13.62 -8.50 3.72
N GLU A 271 -13.61 -9.33 2.69
CA GLU A 271 -12.52 -9.29 1.72
C GLU A 271 -12.56 -8.00 0.92
N CYS A 272 -11.38 -7.49 0.57
CA CYS A 272 -11.29 -6.22 -0.15
C CYS A 272 -11.88 -6.34 -1.56
N ASP A 273 -11.63 -7.46 -2.24
CA ASP A 273 -12.19 -7.65 -3.57
C ASP A 273 -13.71 -7.60 -3.55
N GLN A 274 -14.32 -8.22 -2.53
CA GLN A 274 -15.78 -8.19 -2.42
C GLN A 274 -16.29 -6.78 -2.18
N GLY A 275 -15.65 -6.05 -1.26
CA GLY A 275 -16.06 -4.68 -0.99
C GLY A 275 -15.94 -3.78 -2.21
N CYS A 276 -14.86 -3.93 -2.98
CA CYS A 276 -14.68 -3.12 -4.16
C CYS A 276 -15.66 -3.51 -5.27
N LEU A 277 -15.96 -4.81 -5.40
CA LEU A 277 -17.01 -5.23 -6.32
C LEU A 277 -18.34 -4.56 -5.96
N ALA A 278 -18.70 -4.60 -4.68
CA ALA A 278 -19.97 -4.04 -4.25
C ALA A 278 -20.01 -2.53 -4.48
N LEU A 279 -18.92 -1.83 -4.13
CA LEU A 279 -18.88 -0.38 -4.32
C LEU A 279 -18.92 -0.01 -5.79
N ALA A 280 -18.20 -0.76 -6.63
CA ALA A 280 -18.23 -0.50 -8.08
C ALA A 280 -19.63 -0.69 -8.65
N GLU A 281 -20.31 -1.77 -8.24
CA GLU A 281 -21.66 -1.99 -8.72
C GLU A 281 -22.59 -0.87 -8.27
N LEU A 282 -22.50 -0.47 -7.00
CA LEU A 282 -23.32 0.63 -6.50
C LEU A 282 -23.05 1.92 -7.25
N LEU A 283 -21.81 2.14 -7.69
CA LEU A 283 -21.47 3.32 -8.47
C LEU A 283 -21.88 3.21 -9.93
N GLY A 284 -22.22 2.02 -10.40
CA GLY A 284 -22.50 1.79 -11.80
C GLY A 284 -21.31 1.36 -12.63
N TRP A 285 -20.24 0.89 -11.99
CA TRP A 285 -19.00 0.54 -12.67
C TRP A 285 -18.71 -0.96 -12.67
N LYS A 286 -19.73 -1.79 -12.43
CA LYS A 286 -19.50 -3.23 -12.33
C LYS A 286 -18.86 -3.78 -13.61
N LYS A 287 -19.46 -3.48 -14.75
CA LYS A 287 -18.98 -4.00 -16.02
C LYS A 287 -17.63 -3.41 -16.39
N GLU A 288 -17.41 -2.13 -16.08
CA GLU A 288 -16.10 -1.52 -16.32
C GLU A 288 -15.01 -2.26 -15.57
N LEU A 289 -15.23 -2.48 -14.27
CA LEU A 289 -14.22 -3.16 -13.47
C LEU A 289 -14.00 -4.59 -13.94
N GLU A 290 -15.08 -5.28 -14.31
CA GLU A 290 -14.95 -6.64 -14.83
C GLU A 290 -14.09 -6.65 -16.10
N ASP A 291 -14.39 -5.78 -17.06
CA ASP A 291 -13.62 -5.73 -18.30
C ASP A 291 -12.17 -5.39 -18.03
N LEU A 292 -11.92 -4.41 -17.15
CA LEU A 292 -10.56 -4.02 -16.83
C LEU A 292 -9.77 -5.20 -16.26
N VAL A 293 -10.34 -5.88 -15.27
CA VAL A 293 -9.65 -7.01 -14.65
C VAL A 293 -9.37 -8.10 -15.68
N ARG A 294 -10.39 -8.47 -16.47
CA ARG A 294 -10.21 -9.54 -17.45
C ARG A 294 -9.10 -9.19 -18.45
N ARG A 295 -9.20 -8.01 -19.05
CA ARG A 295 -8.24 -7.63 -20.09
C ARG A 295 -6.83 -7.51 -19.53
N GLU A 296 -6.68 -6.91 -18.35
CA GLU A 296 -5.34 -6.72 -17.80
C GLU A 296 -4.73 -8.04 -17.36
N HIS A 297 -5.52 -8.96 -16.79
CA HIS A 297 -5.00 -10.27 -16.45
C HIS A 297 -4.60 -11.05 -17.69
N ALA A 298 -5.39 -10.92 -18.77
CA ALA A 298 -5.02 -11.55 -20.03
C ALA A 298 -3.72 -10.98 -20.56
N SER A 299 -3.54 -9.66 -20.47
CA SER A 299 -2.30 -9.04 -20.93
CA SER A 299 -2.30 -9.04 -20.93
C SER A 299 -1.11 -9.49 -20.10
N ILE A 300 -1.30 -9.69 -18.80
CA ILE A 300 -0.21 -10.16 -17.95
C ILE A 300 0.14 -11.60 -18.29
N ASP A 301 -0.87 -12.45 -18.50
CA ASP A 301 -0.60 -13.84 -18.88
C ASP A 301 0.01 -13.93 -20.27
N ALA A 302 -0.24 -12.95 -21.13
CA ALA A 302 0.29 -12.99 -22.49
C ALA A 302 1.79 -12.80 -22.51
N GLN A 303 2.30 -11.80 -21.79
CA GLN A 303 3.73 -11.53 -21.72
C GLN A 303 4.43 -12.56 -20.84
N GLU B 1 17.00 15.33 13.31
CA GLU B 1 18.12 14.46 12.99
C GLU B 1 17.79 13.57 11.80
N ALA B 2 16.55 13.10 11.75
CA ALA B 2 16.10 12.26 10.65
C ALA B 2 14.59 12.39 10.51
N LEU B 3 14.09 11.99 9.33
CA LEU B 3 12.66 11.98 9.11
C LEU B 3 12.00 10.86 9.91
N PRO B 4 10.71 10.98 10.21
CA PRO B 4 10.02 9.95 11.01
C PRO B 4 10.22 8.55 10.44
N LYS B 5 10.42 7.60 11.33
CA LYS B 5 10.80 6.24 10.94
C LYS B 5 9.64 5.25 11.02
N ALA B 6 9.71 4.21 10.20
CA ALA B 6 8.72 3.10 10.18
C ALA B 6 8.73 2.39 11.53
N THR B 7 7.66 2.53 12.31
CA THR B 7 7.56 1.87 13.61
C THR B 7 6.25 1.11 13.74
N GLY B 8 6.29 -0.04 14.41
CA GLY B 8 5.11 -0.84 14.64
C GLY B 8 4.27 -0.33 15.79
#